data_8PZ0
#
_entry.id   8PZ0
#
_cell.length_a   181.950
_cell.length_b   181.950
_cell.length_c   87.430
_cell.angle_alpha   90.00
_cell.angle_beta   90.00
_cell.angle_gamma   120.00
#
_symmetry.space_group_name_H-M   'P 63 2 2'
#
loop_
_entity.id
_entity.type
_entity.pdbx_description
1 polymer 'Probable cytosol aminopeptidase'
2 non-polymer 1,2-ETHANEDIOL
3 non-polymer 'BICARBONATE ION'
4 non-polymer 'SODIUM ION'
5 non-polymer 'CHLORIDE ION'
6 water water
#
_entity_poly.entity_id   1
_entity_poly.type   'polypeptide(L)'
_entity_poly.pdbx_seq_one_letter_code
;MHHHHHHDYDIPTTENLYFQGGMEFLVKSVRPETLKTATLVLAVGEGRKLGASAKAVDDATGGAISAVLKRGDLAGKVGQ
TLLLQSLPNLKAERVLLVGAGKERELGDRQYRKLASAVLSTLKGLAGADAALALGDLAVKGRGAHAKARLLVETLADGLY
VFDRYKSQKAEPLKLKKLTLLADKADSAAVEQGSKEAQAIANGMALTRDLGNLPPNVCHPTFLGEQAKGLAKEFKSLKVE
VLDEKKLRELGMGSFLAVAQGSDQPPRLIILQYNGAKKDQAPHVLVGKGITFDTGGISLKPGLGMDEMKFDMCGAASVFG
TFRAVLELQLPINLVGLLACAENMPSGGATRPGDIVTTMSGQTVEILNTDAEGRLVLCDALTYAERFKPQSVIDIATLTG
ACIVALGSNTSGLMGNNEALVRQLLKAGEFADDRAWQLPLFDEYQEQLDSPFADIANIGGPKAGTITAGCFLSRFAKKYH
WAHLDIAGTAWISGGKDKGATGRPVPLLTQYLLERAK
;
_entity_poly.pdbx_strand_id   A
#
loop_
_chem_comp.id
_chem_comp.type
_chem_comp.name
_chem_comp.formula
BCT non-polymer 'BICARBONATE ION' 'C H O3 -1'
CL non-polymer 'CHLORIDE ION' 'Cl -1'
EDO non-polymer 1,2-ETHANEDIOL 'C2 H6 O2'
NA non-polymer 'SODIUM ION' 'Na 1'
#
# COMPACT_ATOMS: atom_id res chain seq x y z
N TYR A 18 5.77 -15.86 4.59
CA TYR A 18 5.55 -16.28 3.21
C TYR A 18 4.18 -15.83 2.73
N PHE A 19 4.09 -15.58 1.43
CA PHE A 19 2.85 -15.12 0.83
C PHE A 19 1.68 -16.06 1.15
N GLN A 20 0.53 -15.47 1.50
CA GLN A 20 -0.61 -16.23 1.99
C GLN A 20 -1.74 -16.38 0.96
N GLY A 21 -1.61 -15.76 -0.21
CA GLY A 21 -2.71 -15.71 -1.16
C GLY A 21 -2.75 -16.83 -2.19
N GLY A 22 -2.16 -17.98 -1.88
CA GLY A 22 -2.24 -19.15 -2.73
C GLY A 22 -1.08 -19.36 -3.70
N MET A 23 0.10 -18.82 -3.40
CA MET A 23 1.29 -18.88 -4.25
C MET A 23 2.55 -19.09 -3.45
N GLU A 24 3.33 -20.08 -3.86
CA GLU A 24 4.67 -20.32 -3.34
C GLU A 24 5.66 -19.70 -4.31
N PHE A 25 6.61 -18.93 -3.78
CA PHE A 25 7.68 -18.32 -4.58
C PHE A 25 8.99 -18.98 -4.20
N LEU A 26 9.68 -19.53 -5.19
CA LEU A 26 10.96 -20.17 -4.99
C LEU A 26 12.02 -19.47 -5.80
N VAL A 27 13.26 -19.55 -5.34
CA VAL A 27 14.43 -19.11 -6.10
C VAL A 27 15.32 -20.32 -6.34
N LYS A 28 15.72 -20.55 -7.59
CA LYS A 28 16.60 -21.66 -7.91
C LYS A 28 17.67 -21.20 -8.91
N SER A 29 18.83 -21.87 -8.87
CA SER A 29 19.96 -21.51 -9.73
C SER A 29 20.25 -22.55 -10.80
N VAL A 30 19.26 -23.36 -11.18
CA VAL A 30 19.48 -24.42 -12.14
C VAL A 30 19.36 -23.89 -13.57
N ARG A 31 19.83 -24.69 -14.50
CA ARG A 31 19.74 -24.35 -15.93
C ARG A 31 18.29 -24.37 -16.37
N PRO A 32 17.81 -23.32 -17.07
CA PRO A 32 16.41 -23.34 -17.51
C PRO A 32 16.12 -24.46 -18.48
N GLU A 33 17.08 -24.84 -19.32
CA GLU A 33 16.78 -25.77 -20.39
C GLU A 33 16.60 -27.21 -19.92
N THR A 34 16.90 -27.53 -18.66
CA THR A 34 16.62 -28.87 -18.13
C THR A 34 15.64 -28.85 -16.97
N LEU A 35 15.00 -27.71 -16.70
CA LEU A 35 14.11 -27.59 -15.56
C LEU A 35 12.74 -28.17 -15.90
N LYS A 36 12.26 -29.08 -15.05
CA LYS A 36 10.92 -29.59 -15.21
C LYS A 36 9.92 -28.56 -14.70
N THR A 37 9.00 -28.14 -15.56
CA THR A 37 8.03 -27.13 -15.18
C THR A 37 6.89 -27.19 -16.18
N ALA A 38 5.70 -26.74 -15.76
CA ALA A 38 4.58 -26.68 -16.68
C ALA A 38 4.76 -25.57 -17.71
N THR A 39 5.38 -24.45 -17.32
CA THR A 39 5.58 -23.34 -18.24
C THR A 39 6.91 -22.66 -17.91
N LEU A 40 7.81 -22.62 -18.89
CA LEU A 40 9.07 -21.88 -18.77
C LEU A 40 8.90 -20.54 -19.46
N VAL A 41 9.21 -19.44 -18.77
CA VAL A 41 8.97 -18.10 -19.28
C VAL A 41 10.30 -17.46 -19.67
N LEU A 42 10.39 -16.99 -20.90
CA LEU A 42 11.62 -16.39 -21.42
C LEU A 42 11.30 -15.02 -22.00
N ALA A 43 12.27 -14.11 -21.93
CA ALA A 43 12.11 -12.78 -22.49
C ALA A 43 12.68 -12.73 -23.91
N VAL A 44 12.05 -11.93 -24.76
CA VAL A 44 12.47 -11.80 -26.16
C VAL A 44 12.54 -10.31 -26.46
N GLY A 45 13.69 -9.85 -26.90
CA GLY A 45 13.86 -8.45 -27.20
C GLY A 45 13.26 -8.10 -28.54
N GLU A 46 12.92 -6.83 -28.69
CA GLU A 46 12.46 -6.30 -29.97
C GLU A 46 13.68 -5.93 -30.80
N GLY A 47 13.92 -6.69 -31.87
CA GLY A 47 14.99 -6.34 -32.79
C GLY A 47 16.38 -6.36 -32.17
N ARG A 48 16.63 -7.30 -31.26
CA ARG A 48 17.95 -7.52 -30.69
C ARG A 48 18.05 -8.99 -30.35
N LYS A 49 19.29 -9.48 -30.26
CA LYS A 49 19.49 -10.92 -30.10
C LYS A 49 18.89 -11.41 -28.78
N LEU A 50 18.36 -12.63 -28.82
CA LEU A 50 17.96 -13.35 -27.60
C LEU A 50 19.03 -13.20 -26.53
N GLY A 51 18.59 -13.02 -25.29
CA GLY A 51 19.50 -12.99 -24.16
C GLY A 51 20.12 -14.35 -23.87
N ALA A 52 21.01 -14.38 -22.88
CA ALA A 52 21.79 -15.59 -22.61
C ALA A 52 20.89 -16.78 -22.27
N SER A 53 19.91 -16.58 -21.38
CA SER A 53 19.04 -17.68 -20.98
C SER A 53 18.20 -18.17 -22.15
N ALA A 54 17.54 -17.25 -22.86
CA ALA A 54 16.72 -17.65 -23.99
C ALA A 54 17.56 -18.33 -25.07
N LYS A 55 18.79 -17.85 -25.28
CA LYS A 55 19.63 -18.46 -26.29
C LYS A 55 20.01 -19.89 -25.90
N ALA A 56 20.31 -20.11 -24.62
CA ALA A 56 20.64 -21.46 -24.15
C ALA A 56 19.47 -22.42 -24.35
N VAL A 57 18.24 -21.95 -24.10
CA VAL A 57 17.06 -22.79 -24.32
C VAL A 57 16.85 -23.04 -25.81
N ASP A 58 16.97 -21.98 -26.61
CA ASP A 58 16.87 -22.15 -28.06
C ASP A 58 17.88 -23.18 -28.58
N ASP A 59 19.14 -23.05 -28.15
CA ASP A 59 20.15 -24.03 -28.56
C ASP A 59 19.72 -25.44 -28.18
N ALA A 60 19.20 -25.62 -26.96
CA ALA A 60 18.79 -26.97 -26.52
C ALA A 60 17.69 -27.55 -27.40
N THR A 61 16.80 -26.71 -27.94
CA THR A 61 15.74 -27.21 -28.82
C THR A 61 16.18 -27.39 -30.26
N GLY A 62 17.46 -27.12 -30.55
CA GLY A 62 17.92 -27.17 -31.93
C GLY A 62 17.42 -26.03 -32.79
N GLY A 63 17.20 -24.86 -32.19
CA GLY A 63 16.79 -23.69 -32.94
C GLY A 63 15.30 -23.51 -33.12
N ALA A 64 14.48 -24.26 -32.37
CA ALA A 64 13.03 -24.22 -32.58
C ALA A 64 12.44 -22.85 -32.20
N ILE A 65 12.97 -22.22 -31.17
CA ILE A 65 12.42 -20.93 -30.76
C ILE A 65 12.83 -19.84 -31.75
N SER A 66 14.11 -19.83 -32.13
CA SER A 66 14.57 -18.96 -33.22
C SER A 66 13.71 -19.13 -34.46
N ALA A 67 13.41 -20.38 -34.81
CA ALA A 67 12.66 -20.62 -36.04
C ALA A 67 11.25 -20.06 -35.94
N VAL A 68 10.60 -20.20 -34.78
CA VAL A 68 9.29 -19.60 -34.59
C VAL A 68 9.37 -18.09 -34.69
N LEU A 69 10.32 -17.49 -33.96
CA LEU A 69 10.42 -16.03 -33.94
C LEU A 69 10.68 -15.46 -35.33
N LYS A 70 11.42 -16.19 -36.17
CA LYS A 70 11.71 -15.69 -37.51
C LYS A 70 10.43 -15.50 -38.31
N ARG A 71 9.40 -16.28 -38.01
CA ARG A 71 8.11 -16.18 -38.70
C ARG A 71 7.37 -14.88 -38.39
N GLY A 72 7.72 -14.20 -37.29
CA GLY A 72 7.29 -12.82 -37.09
C GLY A 72 6.02 -12.59 -36.29
N ASP A 73 5.46 -13.60 -35.64
CA ASP A 73 4.22 -13.34 -34.88
C ASP A 73 4.48 -12.48 -33.64
N LEU A 74 5.68 -12.52 -33.09
CA LEU A 74 6.01 -11.78 -31.87
C LEU A 74 6.98 -10.66 -32.20
N ALA A 75 6.46 -9.42 -32.22
CA ALA A 75 7.31 -8.27 -32.50
C ALA A 75 8.28 -7.99 -31.37
N GLY A 76 7.96 -8.42 -30.15
CA GLY A 76 8.85 -8.20 -29.03
C GLY A 76 8.56 -6.96 -28.22
N LYS A 77 7.44 -6.28 -28.47
CA LYS A 77 7.08 -5.11 -27.67
C LYS A 77 6.78 -5.55 -26.24
N VAL A 78 7.01 -4.65 -25.29
CA VAL A 78 6.91 -5.02 -23.88
C VAL A 78 5.55 -5.63 -23.59
N GLY A 79 5.55 -6.86 -23.08
CA GLY A 79 4.31 -7.46 -22.67
C GLY A 79 3.62 -8.29 -23.73
N GLN A 80 4.01 -8.17 -25.00
CA GLN A 80 3.49 -9.09 -26.00
C GLN A 80 3.90 -10.53 -25.65
N THR A 81 3.08 -11.49 -26.05
CA THR A 81 3.35 -12.88 -25.69
C THR A 81 3.20 -13.80 -26.88
N LEU A 82 3.91 -14.94 -26.80
CA LEU A 82 3.75 -16.06 -27.71
C LEU A 82 3.95 -17.32 -26.89
N LEU A 83 2.95 -18.22 -26.90
CA LEU A 83 2.97 -19.42 -26.09
C LEU A 83 3.19 -20.65 -26.96
N LEU A 84 4.24 -21.41 -26.65
CA LEU A 84 4.54 -22.64 -27.36
C LEU A 84 4.23 -23.84 -26.47
N GLN A 85 3.97 -24.99 -27.08
CA GLN A 85 3.74 -26.21 -26.32
C GLN A 85 5.05 -26.95 -26.12
N SER A 86 5.07 -28.27 -26.30
CA SER A 86 6.30 -29.03 -26.08
C SER A 86 7.29 -28.77 -27.21
N LEU A 87 8.52 -28.47 -26.84
CA LEU A 87 9.61 -28.25 -27.76
C LEU A 87 10.65 -29.35 -27.59
N PRO A 88 11.38 -29.68 -28.65
CA PRO A 88 12.29 -30.83 -28.55
C PRO A 88 13.33 -30.63 -27.47
N ASN A 89 13.60 -31.70 -26.72
CA ASN A 89 14.67 -31.81 -25.74
C ASN A 89 14.45 -30.96 -24.49
N LEU A 90 13.27 -30.37 -24.31
CA LEU A 90 13.00 -29.59 -23.12
C LEU A 90 12.16 -30.40 -22.14
N LYS A 91 12.34 -30.13 -20.85
CA LYS A 91 11.45 -30.67 -19.82
C LYS A 91 10.31 -29.70 -19.47
N ALA A 92 10.27 -28.53 -20.09
CA ALA A 92 9.15 -27.62 -19.92
C ALA A 92 7.98 -28.07 -20.80
N GLU A 93 6.79 -28.21 -20.21
CA GLU A 93 5.62 -28.59 -20.99
C GLU A 93 5.22 -27.50 -21.97
N ARG A 94 5.40 -26.23 -21.61
CA ARG A 94 5.11 -25.09 -22.46
C ARG A 94 6.25 -24.11 -22.32
N VAL A 95 6.44 -23.27 -23.34
CA VAL A 95 7.37 -22.15 -23.27
C VAL A 95 6.62 -20.87 -23.60
N LEU A 96 6.64 -19.93 -22.67
CA LEU A 96 6.00 -18.62 -22.85
C LEU A 96 7.07 -17.59 -23.18
N LEU A 97 6.97 -17.00 -24.37
CA LEU A 97 7.83 -15.90 -24.76
C LEU A 97 7.13 -14.58 -24.48
N VAL A 98 7.83 -13.66 -23.82
CA VAL A 98 7.24 -12.36 -23.51
C VAL A 98 8.18 -11.28 -24.03
N GLY A 99 7.61 -10.27 -24.70
CA GLY A 99 8.42 -9.21 -25.29
C GLY A 99 8.99 -8.29 -24.23
N ALA A 100 10.23 -7.86 -24.45
CA ALA A 100 10.89 -6.96 -23.52
C ALA A 100 11.29 -5.63 -24.16
N GLY A 101 10.76 -5.32 -25.34
CA GLY A 101 11.05 -4.04 -25.96
C GLY A 101 12.46 -4.00 -26.55
N LYS A 102 12.86 -2.80 -26.93
CA LYS A 102 14.12 -2.64 -27.65
C LYS A 102 15.20 -1.94 -26.84
N GLU A 103 14.88 -1.46 -25.64
CA GLU A 103 15.84 -0.74 -24.81
C GLU A 103 16.77 -1.69 -24.08
N ARG A 104 17.97 -1.18 -23.76
CA ARG A 104 18.92 -1.98 -22.99
C ARG A 104 18.39 -2.25 -21.58
N GLU A 105 17.79 -1.24 -20.96
CA GLU A 105 17.22 -1.35 -19.62
C GLU A 105 15.75 -0.96 -19.66
N LEU A 106 14.95 -1.66 -18.86
CA LEU A 106 13.56 -1.28 -18.66
C LEU A 106 13.46 -0.29 -17.51
N GLY A 107 12.45 0.57 -17.58
CA GLY A 107 12.01 1.30 -16.41
C GLY A 107 11.10 0.45 -15.54
N ASP A 108 10.84 0.94 -14.32
CA ASP A 108 9.94 0.24 -13.40
C ASP A 108 8.57 -0.05 -14.02
N ARG A 109 7.99 0.93 -14.72
CA ARG A 109 6.67 0.72 -15.32
C ARG A 109 6.71 -0.40 -16.34
N GLN A 110 7.73 -0.44 -17.19
CA GLN A 110 7.80 -1.50 -18.20
C GLN A 110 8.05 -2.85 -17.54
N TYR A 111 8.89 -2.90 -16.51
CA TYR A 111 9.11 -4.16 -15.80
C TYR A 111 7.81 -4.67 -15.19
N ARG A 112 7.05 -3.79 -14.54
CA ARG A 112 5.76 -4.22 -14.01
C ARG A 112 4.82 -4.70 -15.11
N LYS A 113 4.80 -3.99 -16.24
CA LYS A 113 3.91 -4.38 -17.33
C LYS A 113 4.28 -5.74 -17.89
N LEU A 114 5.58 -5.98 -18.06
CA LEU A 114 6.05 -7.30 -18.47
C LEU A 114 5.59 -8.38 -17.48
N ALA A 115 5.81 -8.14 -16.19
CA ALA A 115 5.43 -9.14 -15.19
C ALA A 115 3.93 -9.39 -15.19
N SER A 116 3.13 -8.32 -15.34
CA SER A 116 1.68 -8.50 -15.31
C SER A 116 1.18 -9.26 -16.52
N ALA A 117 1.81 -9.03 -17.68
CA ALA A 117 1.44 -9.77 -18.88
C ALA A 117 1.74 -11.25 -18.72
N VAL A 118 2.92 -11.57 -18.17
CA VAL A 118 3.26 -12.96 -17.85
C VAL A 118 2.22 -13.57 -16.93
N LEU A 119 1.93 -12.87 -15.83
CA LEU A 119 0.98 -13.43 -14.87
C LEU A 119 -0.41 -13.61 -15.50
N SER A 120 -0.84 -12.64 -16.29
CA SER A 120 -2.17 -12.78 -16.90
C SER A 120 -2.24 -14.03 -17.77
N THR A 121 -1.20 -14.30 -18.56
CA THR A 121 -1.19 -15.53 -19.36
C THR A 121 -1.20 -16.77 -18.46
N LEU A 122 -0.34 -16.80 -17.45
CA LEU A 122 -0.22 -18.01 -16.62
C LEU A 122 -1.51 -18.30 -15.87
N LYS A 123 -2.21 -17.26 -15.42
CA LYS A 123 -3.49 -17.44 -14.73
C LYS A 123 -4.48 -18.23 -15.56
N GLY A 124 -4.48 -18.02 -16.88
CA GLY A 124 -5.44 -18.69 -17.75
C GLY A 124 -5.05 -20.08 -18.17
N LEU A 125 -3.84 -20.53 -17.82
CA LEU A 125 -3.38 -21.87 -18.16
C LEU A 125 -3.69 -22.85 -17.04
N ALA A 126 -3.69 -24.13 -17.39
CA ALA A 126 -3.91 -25.20 -16.43
C ALA A 126 -2.60 -25.70 -15.80
N GLY A 127 -1.48 -25.04 -16.05
CA GLY A 127 -0.23 -25.46 -15.43
C GLY A 127 -0.20 -25.16 -13.95
N ALA A 128 0.33 -26.10 -13.17
CA ALA A 128 0.38 -25.94 -11.72
C ALA A 128 1.55 -25.08 -11.25
N ASP A 129 2.52 -24.83 -12.12
CA ASP A 129 3.66 -24.01 -11.75
C ASP A 129 4.19 -23.32 -13.00
N ALA A 130 5.09 -22.37 -12.79
CA ALA A 130 5.84 -21.78 -13.89
C ALA A 130 7.19 -21.34 -13.36
N ALA A 131 8.17 -21.33 -14.25
CA ALA A 131 9.54 -20.92 -13.95
C ALA A 131 9.87 -19.70 -14.79
N LEU A 132 10.33 -18.63 -14.13
CA LEU A 132 10.65 -17.36 -14.79
C LEU A 132 12.16 -17.28 -15.00
N ALA A 133 12.59 -17.34 -16.25
CA ALA A 133 14.01 -17.19 -16.59
C ALA A 133 14.27 -15.78 -17.11
N LEU A 134 14.07 -14.81 -16.23
CA LEU A 134 14.08 -13.41 -16.59
C LEU A 134 15.31 -12.67 -16.06
N GLY A 135 16.34 -13.41 -15.64
CA GLY A 135 17.48 -12.79 -15.00
C GLY A 135 18.27 -11.88 -15.92
N ASP A 136 18.17 -12.09 -17.24
CA ASP A 136 18.89 -11.25 -18.19
C ASP A 136 18.25 -9.87 -18.35
N LEU A 137 17.02 -9.67 -17.91
CA LEU A 137 16.42 -8.34 -17.99
C LEU A 137 17.17 -7.35 -17.10
N ALA A 138 17.42 -6.16 -17.63
CA ALA A 138 18.01 -5.07 -16.86
C ALA A 138 16.94 -4.03 -16.59
N VAL A 139 16.95 -3.48 -15.38
CA VAL A 139 15.99 -2.46 -14.96
C VAL A 139 16.78 -1.30 -14.38
N LYS A 140 16.45 -0.09 -14.85
CA LYS A 140 17.22 1.10 -14.52
C LYS A 140 17.39 1.25 -13.01
N GLY A 141 18.65 1.35 -12.57
CA GLY A 141 18.95 1.61 -11.17
C GLY A 141 18.67 0.48 -10.21
N ARG A 142 18.43 -0.74 -10.68
CA ARG A 142 18.02 -1.84 -9.80
C ARG A 142 18.95 -3.03 -10.01
N GLY A 143 19.59 -3.47 -8.92
CA GLY A 143 20.30 -4.74 -8.90
C GLY A 143 19.38 -5.90 -8.59
N ALA A 144 19.98 -7.04 -8.25
CA ALA A 144 19.20 -8.27 -8.08
C ALA A 144 18.13 -8.14 -7.00
N HIS A 145 18.51 -7.61 -5.83
CA HIS A 145 17.54 -7.49 -4.75
C HIS A 145 16.40 -6.55 -5.14
N ALA A 146 16.75 -5.39 -5.70
CA ALA A 146 15.74 -4.39 -6.01
C ALA A 146 14.81 -4.87 -7.12
N LYS A 147 15.33 -5.59 -8.11
CA LYS A 147 14.47 -6.16 -9.15
C LYS A 147 13.53 -7.21 -8.57
N ALA A 148 14.04 -8.07 -7.68
CA ALA A 148 13.21 -9.10 -7.10
C ALA A 148 12.11 -8.48 -6.25
N ARG A 149 12.42 -7.40 -5.53
CA ARG A 149 11.39 -6.70 -4.76
C ARG A 149 10.24 -6.27 -5.66
N LEU A 150 10.55 -5.64 -6.79
CA LEU A 150 9.50 -5.16 -7.68
C LEU A 150 8.78 -6.30 -8.37
N LEU A 151 9.54 -7.31 -8.83
CA LEU A 151 8.91 -8.39 -9.59
C LEU A 151 7.97 -9.20 -8.71
N VAL A 152 8.44 -9.62 -7.53
CA VAL A 152 7.61 -10.50 -6.71
C VAL A 152 6.42 -9.74 -6.15
N GLU A 153 6.61 -8.47 -5.80
CA GLU A 153 5.48 -7.71 -5.27
C GLU A 153 4.42 -7.55 -6.35
N THR A 154 4.85 -7.31 -7.59
CA THR A 154 3.88 -7.16 -8.68
C THR A 154 3.13 -8.45 -8.92
N LEU A 155 3.85 -9.58 -8.93
CA LEU A 155 3.22 -10.88 -9.13
C LEU A 155 2.26 -11.20 -7.99
N ALA A 156 2.72 -11.07 -6.75
CA ALA A 156 1.91 -11.49 -5.61
C ALA A 156 0.69 -10.60 -5.47
N ASP A 157 0.86 -9.29 -5.61
CA ASP A 157 -0.28 -8.39 -5.51
C ASP A 157 -1.21 -8.56 -6.70
N GLY A 158 -0.66 -8.99 -7.85
CA GLY A 158 -1.49 -9.27 -9.01
C GLY A 158 -2.41 -10.46 -8.84
N LEU A 159 -2.19 -11.29 -7.84
CA LEU A 159 -3.04 -12.43 -7.53
C LEU A 159 -4.21 -12.06 -6.64
N TYR A 160 -4.30 -10.81 -6.20
CA TYR A 160 -5.33 -10.42 -5.25
C TYR A 160 -6.73 -10.62 -5.82
N VAL A 161 -7.63 -11.14 -4.98
CA VAL A 161 -9.02 -11.36 -5.34
C VAL A 161 -9.87 -10.92 -4.14
N PHE A 162 -10.97 -10.24 -4.42
CA PHE A 162 -11.95 -9.89 -3.40
C PHE A 162 -13.32 -10.31 -3.92
N ASP A 163 -13.77 -11.49 -3.51
CA ASP A 163 -15.00 -12.03 -4.09
C ASP A 163 -15.96 -12.57 -3.05
N ARG A 164 -15.81 -12.18 -1.78
CA ARG A 164 -16.64 -12.81 -0.77
C ARG A 164 -18.13 -12.46 -0.90
N TYR A 165 -18.49 -11.39 -1.63
CA TYR A 165 -19.91 -11.09 -1.83
C TYR A 165 -20.45 -11.54 -3.19
N LYS A 166 -19.65 -12.26 -3.97
CA LYS A 166 -20.11 -12.83 -5.23
C LYS A 166 -20.69 -14.21 -5.01
N SER A 167 -21.91 -14.43 -5.50
CA SER A 167 -22.48 -15.77 -5.41
C SER A 167 -21.78 -16.74 -6.37
N GLN A 168 -21.33 -16.23 -7.50
CA GLN A 168 -20.61 -17.02 -8.50
C GLN A 168 -19.15 -16.60 -8.44
N LYS A 169 -18.30 -17.50 -7.96
N LYS A 169 -18.31 -17.49 -7.92
CA LYS A 169 -16.88 -17.22 -7.84
CA LYS A 169 -16.89 -17.24 -7.83
C LYS A 169 -16.14 -17.82 -9.03
C LYS A 169 -16.17 -17.80 -9.06
N ALA A 170 -15.05 -17.17 -9.41
CA ALA A 170 -14.24 -17.66 -10.51
C ALA A 170 -13.64 -19.02 -10.16
N GLU A 171 -13.30 -19.79 -11.20
CA GLU A 171 -12.60 -21.04 -11.00
C GLU A 171 -11.28 -20.79 -10.28
N PRO A 172 -10.93 -21.59 -9.28
CA PRO A 172 -9.61 -21.45 -8.67
C PRO A 172 -8.51 -21.60 -9.71
N LEU A 173 -7.43 -20.87 -9.51
CA LEU A 173 -6.26 -20.99 -10.37
C LEU A 173 -5.66 -22.38 -10.25
N LYS A 174 -5.15 -22.90 -11.36
CA LYS A 174 -4.28 -24.08 -11.26
C LYS A 174 -2.88 -23.71 -10.83
N LEU A 175 -2.42 -22.51 -11.18
CA LEU A 175 -1.06 -22.06 -10.88
C LEU A 175 -0.90 -21.89 -9.37
N LYS A 176 0.06 -22.60 -8.78
CA LYS A 176 0.27 -22.55 -7.35
C LYS A 176 1.71 -22.32 -6.95
N LYS A 177 2.63 -22.28 -7.90
CA LYS A 177 4.04 -22.16 -7.60
C LYS A 177 4.71 -21.37 -8.71
N LEU A 178 5.57 -20.43 -8.33
CA LEU A 178 6.35 -19.62 -9.25
C LEU A 178 7.80 -19.72 -8.84
N THR A 179 8.68 -20.11 -9.76
CA THR A 179 10.11 -20.23 -9.49
C THR A 179 10.84 -19.11 -10.24
N LEU A 180 11.67 -18.37 -9.51
CA LEU A 180 12.54 -17.36 -10.08
C LEU A 180 13.91 -17.99 -10.29
N LEU A 181 14.38 -18.01 -11.52
CA LEU A 181 15.71 -18.54 -11.82
C LEU A 181 16.74 -17.43 -11.71
N ALA A 182 17.81 -17.68 -10.98
CA ALA A 182 18.83 -16.67 -10.74
C ALA A 182 20.19 -17.34 -10.73
N ASP A 183 21.21 -16.62 -11.20
CA ASP A 183 22.57 -17.14 -11.06
C ASP A 183 22.90 -17.30 -9.57
N LYS A 184 23.75 -18.30 -9.27
CA LYS A 184 24.06 -18.59 -7.87
C LYS A 184 24.60 -17.37 -7.14
N ALA A 185 25.31 -16.49 -7.85
CA ALA A 185 25.87 -15.31 -7.21
C ALA A 185 24.81 -14.30 -6.82
N ASP A 186 23.65 -14.34 -7.47
CA ASP A 186 22.56 -13.41 -7.17
C ASP A 186 21.46 -14.04 -6.33
N SER A 187 21.51 -15.35 -6.09
CA SER A 187 20.33 -16.02 -5.56
C SER A 187 20.00 -15.57 -4.14
N ALA A 188 21.02 -15.23 -3.34
CA ALA A 188 20.72 -14.78 -1.98
C ALA A 188 19.99 -13.43 -2.00
N ALA A 189 20.45 -12.50 -2.83
CA ALA A 189 19.77 -11.22 -2.96
C ALA A 189 18.34 -11.39 -3.48
N VAL A 190 18.16 -12.27 -4.48
CA VAL A 190 16.82 -12.49 -5.02
C VAL A 190 15.91 -13.07 -3.95
N GLU A 191 16.41 -14.06 -3.20
CA GLU A 191 15.63 -14.66 -2.12
C GLU A 191 15.22 -13.60 -1.09
N GLN A 192 16.16 -12.75 -0.66
CA GLN A 192 15.82 -11.67 0.26
C GLN A 192 14.76 -10.75 -0.31
N GLY A 193 14.94 -10.31 -1.54
CA GLY A 193 13.93 -9.46 -2.17
C GLY A 193 12.57 -10.12 -2.23
N SER A 194 12.56 -11.41 -2.57
CA SER A 194 11.30 -12.14 -2.66
C SER A 194 10.62 -12.24 -1.30
N LYS A 195 11.39 -12.57 -0.26
CA LYS A 195 10.81 -12.69 1.08
C LYS A 195 10.18 -11.38 1.52
N GLU A 196 10.89 -10.27 1.33
CA GLU A 196 10.34 -8.96 1.71
C GLU A 196 9.13 -8.62 0.86
N ALA A 197 9.20 -8.85 -0.45
CA ALA A 197 8.06 -8.56 -1.32
C ALA A 197 6.84 -9.38 -0.92
N GLN A 198 7.05 -10.63 -0.50
CA GLN A 198 5.90 -11.45 -0.11
C GLN A 198 5.21 -10.88 1.12
N ALA A 199 6.01 -10.46 2.12
CA ALA A 199 5.44 -9.86 3.32
C ALA A 199 4.68 -8.57 2.98
N ILE A 200 5.26 -7.74 2.12
CA ILE A 200 4.58 -6.52 1.68
C ILE A 200 3.26 -6.85 0.98
N ALA A 201 3.28 -7.83 0.06
CA ALA A 201 2.06 -8.21 -0.63
C ALA A 201 1.01 -8.74 0.34
N ASN A 202 1.42 -9.53 1.34
CA ASN A 202 0.45 -9.96 2.36
C ASN A 202 -0.16 -8.77 3.08
N GLY A 203 0.66 -7.79 3.44
CA GLY A 203 0.13 -6.59 4.08
C GLY A 203 -0.79 -5.81 3.17
N MET A 204 -0.42 -5.67 1.90
CA MET A 204 -1.28 -5.02 0.92
C MET A 204 -2.63 -5.73 0.80
N ALA A 205 -2.63 -7.07 0.88
CA ALA A 205 -3.87 -7.80 0.74
C ALA A 205 -4.81 -7.53 1.91
N LEU A 206 -4.27 -7.46 3.13
CA LEU A 206 -5.10 -7.10 4.27
C LEU A 206 -5.63 -5.67 4.13
N THR A 207 -4.75 -4.74 3.74
CA THR A 207 -5.19 -3.37 3.51
C THR A 207 -6.30 -3.31 2.47
N ARG A 208 -6.12 -4.01 1.36
CA ARG A 208 -7.11 -3.95 0.29
C ARG A 208 -8.43 -4.58 0.74
N ASP A 209 -8.36 -5.72 1.45
CA ASP A 209 -9.58 -6.31 1.99
C ASP A 209 -10.34 -5.31 2.86
N LEU A 210 -9.65 -4.69 3.83
CA LEU A 210 -10.35 -3.77 4.72
C LEU A 210 -10.91 -2.59 3.94
N GLY A 211 -10.15 -2.11 2.96
CA GLY A 211 -10.64 -1.00 2.15
C GLY A 211 -11.85 -1.36 1.31
N ASN A 212 -11.88 -2.59 0.78
CA ASN A 212 -12.94 -3.00 -0.15
C ASN A 212 -14.21 -3.41 0.58
N LEU A 213 -14.14 -3.75 1.86
CA LEU A 213 -15.33 -4.15 2.60
C LEU A 213 -16.36 -3.01 2.56
N PRO A 214 -17.64 -3.34 2.44
CA PRO A 214 -18.66 -2.30 2.43
C PRO A 214 -18.82 -1.69 3.83
N PRO A 215 -19.27 -0.44 3.91
CA PRO A 215 -19.23 0.26 5.19
C PRO A 215 -20.27 -0.24 6.19
N ASN A 216 -21.29 -1.00 5.75
CA ASN A 216 -22.21 -1.57 6.72
C ASN A 216 -21.58 -2.77 7.45
N VAL A 217 -20.49 -3.32 6.92
CA VAL A 217 -19.71 -4.39 7.58
C VAL A 217 -18.47 -3.83 8.25
N CYS A 218 -17.68 -3.04 7.52
CA CYS A 218 -16.44 -2.42 8.00
C CYS A 218 -16.70 -1.11 8.73
N HIS A 219 -17.12 -1.22 10.00
CA HIS A 219 -17.29 -0.04 10.87
C HIS A 219 -16.20 -0.05 11.94
N PRO A 220 -16.14 0.97 12.81
CA PRO A 220 -15.01 1.03 13.76
C PRO A 220 -14.92 -0.17 14.69
N THR A 221 -16.06 -0.66 15.19
CA THR A 221 -16.02 -1.84 16.07
C THR A 221 -15.45 -3.05 15.34
N PHE A 222 -15.84 -3.25 14.08
CA PHE A 222 -15.25 -4.32 13.25
C PHE A 222 -13.73 -4.18 13.15
N LEU A 223 -13.25 -2.95 12.94
CA LEU A 223 -11.79 -2.77 12.85
C LEU A 223 -11.11 -3.10 14.17
N GLY A 224 -11.77 -2.77 15.29
CA GLY A 224 -11.24 -3.19 16.58
C GLY A 224 -11.12 -4.70 16.68
N GLU A 225 -12.15 -5.43 16.24
N GLU A 225 -12.15 -5.42 16.22
CA GLU A 225 -12.07 -6.89 16.30
CA GLU A 225 -12.13 -6.88 16.25
C GLU A 225 -11.00 -7.42 15.35
C GLU A 225 -11.03 -7.42 15.34
N GLN A 226 -10.81 -6.76 14.19
CA GLN A 226 -9.71 -7.15 13.30
C GLN A 226 -8.35 -7.02 13.99
N ALA A 227 -8.14 -5.93 14.72
CA ALA A 227 -6.87 -5.78 15.45
C ALA A 227 -6.70 -6.89 16.47
N LYS A 228 -7.74 -7.21 17.22
CA LYS A 228 -7.64 -8.32 18.17
C LYS A 228 -7.32 -9.62 17.46
N GLY A 229 -7.89 -9.83 16.27
CA GLY A 229 -7.59 -11.05 15.54
C GLY A 229 -6.15 -11.11 15.08
N LEU A 230 -5.58 -9.96 14.72
CA LEU A 230 -4.17 -9.91 14.31
C LEU A 230 -3.26 -10.24 15.48
N ALA A 231 -3.65 -9.84 16.70
CA ALA A 231 -2.84 -10.18 17.87
C ALA A 231 -2.91 -11.67 18.19
N LYS A 232 -4.04 -12.31 17.86
CA LYS A 232 -4.15 -13.76 18.03
C LYS A 232 -3.17 -14.48 17.12
N GLU A 233 -2.97 -13.95 15.91
CA GLU A 233 -2.12 -14.58 14.92
C GLU A 233 -0.64 -14.30 15.18
N PHE A 234 -0.32 -13.14 15.73
CA PHE A 234 1.05 -12.70 15.93
C PHE A 234 1.25 -12.42 17.42
N LYS A 235 1.92 -13.35 18.12
CA LYS A 235 2.14 -13.21 19.55
C LYS A 235 3.02 -12.01 19.89
N SER A 236 3.78 -11.50 18.92
CA SER A 236 4.60 -10.33 19.17
C SER A 236 3.82 -9.03 19.16
N LEU A 237 2.54 -9.06 18.79
CA LEU A 237 1.71 -7.86 18.71
C LEU A 237 0.85 -7.75 19.96
N LYS A 238 0.82 -6.56 20.56
CA LYS A 238 -0.14 -6.24 21.61
C LYS A 238 -1.11 -5.20 21.09
N VAL A 239 -2.38 -5.35 21.47
CA VAL A 239 -3.46 -4.51 20.95
C VAL A 239 -4.29 -4.01 22.12
N GLU A 240 -4.66 -2.73 22.07
CA GLU A 240 -5.62 -2.17 22.99
C GLU A 240 -6.63 -1.38 22.16
N VAL A 241 -7.92 -1.50 22.50
CA VAL A 241 -8.99 -0.83 21.76
C VAL A 241 -9.73 0.07 22.75
N LEU A 242 -9.73 1.37 22.49
CA LEU A 242 -10.38 2.34 23.37
C LEU A 242 -11.73 2.74 22.79
N ASP A 243 -12.77 2.71 23.61
CA ASP A 243 -14.12 3.06 23.20
C ASP A 243 -14.42 4.53 23.56
N GLU A 244 -15.67 4.94 23.33
CA GLU A 244 -15.99 6.36 23.43
C GLU A 244 -15.85 6.86 24.87
N LYS A 245 -16.16 6.03 25.86
CA LYS A 245 -15.96 6.46 27.24
C LYS A 245 -14.50 6.81 27.51
N LYS A 246 -13.58 5.97 27.06
CA LYS A 246 -12.17 6.26 27.30
C LYS A 246 -11.72 7.49 26.53
N LEU A 247 -12.20 7.65 25.29
CA LEU A 247 -11.86 8.84 24.51
C LEU A 247 -12.30 10.10 25.24
N ARG A 248 -13.47 10.06 25.86
CA ARG A 248 -13.95 11.23 26.58
C ARG A 248 -13.12 11.46 27.84
N GLU A 249 -12.73 10.39 28.54
CA GLU A 249 -11.81 10.55 29.66
C GLU A 249 -10.50 11.21 29.24
N LEU A 250 -9.99 10.85 28.05
CA LEU A 250 -8.76 11.43 27.57
C LEU A 250 -8.92 12.88 27.10
N GLY A 251 -10.14 13.38 26.94
CA GLY A 251 -10.36 14.74 26.49
C GLY A 251 -10.29 14.91 24.99
N MET A 252 -10.63 13.87 24.25
CA MET A 252 -10.43 13.79 22.80
C MET A 252 -11.64 14.39 22.09
N GLY A 253 -11.76 15.72 22.23
CA GLY A 253 -13.00 16.40 21.87
C GLY A 253 -13.29 16.48 20.39
N SER A 254 -12.25 16.66 19.55
CA SER A 254 -12.54 16.74 18.12
C SER A 254 -12.80 15.36 17.53
N PHE A 255 -12.10 14.35 18.05
CA PHE A 255 -12.37 12.97 17.65
C PHE A 255 -13.83 12.61 17.97
N LEU A 256 -14.29 12.92 19.18
CA LEU A 256 -15.66 12.63 19.57
C LEU A 256 -16.66 13.41 18.73
N ALA A 257 -16.32 14.65 18.35
CA ALA A 257 -17.24 15.46 17.57
C ALA A 257 -17.51 14.83 16.21
N VAL A 258 -16.49 14.24 15.59
CA VAL A 258 -16.69 13.56 14.31
C VAL A 258 -17.65 12.40 14.48
N ALA A 259 -17.48 11.63 15.55
CA ALA A 259 -18.20 10.37 15.73
C ALA A 259 -19.65 10.56 16.17
N GLN A 260 -19.99 11.70 16.75
CA GLN A 260 -21.22 11.80 17.52
C GLN A 260 -22.49 11.70 16.66
N GLY A 261 -22.42 12.01 15.36
CA GLY A 261 -23.62 11.93 14.55
C GLY A 261 -24.03 10.52 14.15
N SER A 262 -23.13 9.54 14.26
CA SER A 262 -23.38 8.18 13.78
C SER A 262 -23.90 7.28 14.90
N ASP A 263 -24.72 6.28 14.52
CA ASP A 263 -25.06 5.22 15.47
C ASP A 263 -23.84 4.36 15.84
N GLN A 264 -22.80 4.35 15.00
CA GLN A 264 -21.64 3.49 15.23
C GLN A 264 -20.69 4.16 16.20
N PRO A 265 -20.30 3.49 17.29
CA PRO A 265 -19.38 4.13 18.24
C PRO A 265 -17.97 4.21 17.62
N PRO A 266 -17.18 5.18 18.05
CA PRO A 266 -15.82 5.30 17.53
C PRO A 266 -14.87 4.37 18.28
N ARG A 267 -13.69 4.15 17.70
CA ARG A 267 -12.63 3.34 18.31
C ARG A 267 -11.28 3.99 18.06
N LEU A 268 -10.44 4.05 19.10
CA LEU A 268 -9.00 4.31 18.95
C LEU A 268 -8.28 3.00 19.17
N ILE A 269 -7.66 2.46 18.13
CA ILE A 269 -6.99 1.16 18.19
C ILE A 269 -5.50 1.41 18.33
N ILE A 270 -4.88 0.81 19.34
CA ILE A 270 -3.45 0.97 19.60
C ILE A 270 -2.75 -0.36 19.37
N LEU A 271 -1.84 -0.39 18.40
CA LEU A 271 -0.99 -1.55 18.12
C LEU A 271 0.42 -1.28 18.60
N GLN A 272 1.05 -2.26 19.25
CA GLN A 272 2.42 -2.11 19.73
C GLN A 272 3.21 -3.37 19.41
N TYR A 273 4.38 -3.18 18.80
CA TYR A 273 5.31 -4.25 18.48
C TYR A 273 6.69 -3.83 18.92
N ASN A 274 7.34 -4.65 19.73
CA ASN A 274 8.64 -4.28 20.31
C ASN A 274 9.68 -5.26 19.80
N GLY A 275 10.15 -5.05 18.58
CA GLY A 275 11.18 -5.87 17.98
C GLY A 275 12.60 -5.47 18.31
N ALA A 276 12.81 -4.32 18.92
CA ALA A 276 14.14 -3.83 19.26
C ALA A 276 14.30 -3.74 20.78
N LYS A 277 15.51 -3.36 21.21
CA LYS A 277 15.75 -3.18 22.64
C LYS A 277 14.88 -2.06 23.20
N LYS A 278 14.57 -2.17 24.50
CA LYS A 278 13.66 -1.21 25.12
C LYS A 278 14.20 0.22 25.09
N ASP A 279 15.49 0.40 24.81
CA ASP A 279 16.07 1.73 24.76
C ASP A 279 15.85 2.43 23.42
N GLN A 280 15.37 1.72 22.40
CA GLN A 280 15.15 2.32 21.08
C GLN A 280 13.77 3.00 21.05
N ALA A 281 13.77 4.29 20.72
CA ALA A 281 12.51 5.02 20.58
C ALA A 281 11.67 4.41 19.46
N PRO A 282 10.36 4.35 19.61
CA PRO A 282 9.52 3.70 18.59
C PRO A 282 9.22 4.65 17.44
N HIS A 283 8.81 4.05 16.32
CA HIS A 283 8.20 4.77 15.21
C HIS A 283 6.70 4.60 15.31
N VAL A 284 5.96 5.69 15.08
CA VAL A 284 4.51 5.68 15.26
C VAL A 284 3.87 5.91 13.90
N LEU A 285 2.89 5.07 13.56
CA LEU A 285 2.05 5.24 12.38
C LEU A 285 0.65 5.60 12.86
N VAL A 286 0.09 6.67 12.30
CA VAL A 286 -1.24 7.15 12.70
C VAL A 286 -2.13 7.08 11.46
N GLY A 287 -3.24 6.35 11.55
CA GLY A 287 -4.03 6.12 10.37
C GLY A 287 -5.41 6.68 10.50
N LYS A 288 -5.88 7.39 9.47
CA LYS A 288 -7.25 7.87 9.48
C LYS A 288 -8.19 6.72 9.14
N GLY A 289 -9.08 6.37 10.06
CA GLY A 289 -10.03 5.30 9.81
C GLY A 289 -11.47 5.74 9.78
N ILE A 290 -11.82 6.65 8.87
CA ILE A 290 -13.21 7.06 8.74
C ILE A 290 -13.88 5.99 7.89
N THR A 291 -14.64 5.11 8.53
CA THR A 291 -15.11 3.91 7.83
C THR A 291 -16.19 4.25 6.81
N PHE A 292 -16.88 5.37 6.98
CA PHE A 292 -17.62 5.95 5.89
C PHE A 292 -17.76 7.44 6.14
N ASP A 293 -17.66 8.22 5.07
CA ASP A 293 -17.67 9.68 5.19
C ASP A 293 -18.79 10.19 4.29
N THR A 294 -19.93 10.55 4.90
CA THR A 294 -21.00 11.21 4.18
C THR A 294 -20.75 12.70 4.03
N GLY A 295 -19.70 13.22 4.69
CA GLY A 295 -19.57 14.65 4.91
C GLY A 295 -20.23 15.16 6.16
N GLY A 296 -21.19 14.41 6.73
CA GLY A 296 -21.94 14.93 7.87
C GLY A 296 -22.98 15.95 7.44
N ILE A 297 -23.22 16.93 8.30
CA ILE A 297 -24.15 18.01 7.96
C ILE A 297 -23.70 18.74 6.70
N SER A 298 -22.38 18.89 6.52
CA SER A 298 -21.77 19.36 5.28
C SER A 298 -21.77 18.21 4.27
N LEU A 299 -22.98 17.81 3.88
CA LEU A 299 -23.17 16.55 3.17
C LEU A 299 -22.52 16.56 1.79
N LYS A 300 -21.87 15.44 1.44
CA LYS A 300 -21.32 15.26 0.10
C LYS A 300 -22.42 15.09 -0.95
N PRO A 301 -22.11 15.37 -2.22
CA PRO A 301 -23.03 15.00 -3.30
C PRO A 301 -23.11 13.48 -3.42
N GLY A 302 -24.19 13.03 -4.04
CA GLY A 302 -24.42 11.59 -4.16
C GLY A 302 -23.48 10.90 -5.12
N LEU A 303 -23.10 11.57 -6.21
CA LEU A 303 -22.33 10.92 -7.27
C LEU A 303 -21.00 10.41 -6.73
N GLY A 304 -20.76 9.10 -6.91
CA GLY A 304 -19.52 8.49 -6.46
C GLY A 304 -19.32 8.40 -4.96
N MET A 305 -20.35 8.65 -4.16
CA MET A 305 -20.08 8.69 -2.72
C MET A 305 -19.87 7.29 -2.15
N ASP A 306 -20.17 6.23 -2.93
CA ASP A 306 -19.81 4.88 -2.51
C ASP A 306 -18.30 4.74 -2.29
N GLU A 307 -17.47 5.53 -2.98
CA GLU A 307 -16.04 5.37 -2.76
C GLU A 307 -15.57 5.94 -1.42
N MET A 308 -16.46 6.56 -0.66
CA MET A 308 -16.10 7.04 0.67
C MET A 308 -15.90 5.90 1.67
N LYS A 309 -16.21 4.64 1.30
CA LYS A 309 -15.79 3.52 2.13
C LYS A 309 -14.27 3.37 2.15
N PHE A 310 -13.58 4.03 1.22
CA PHE A 310 -12.13 4.02 1.18
C PHE A 310 -11.51 5.10 2.09
N ASP A 311 -12.35 5.86 2.83
CA ASP A 311 -11.87 6.91 3.72
C ASP A 311 -11.22 6.38 4.99
N MET A 312 -11.21 5.08 5.17
CA MET A 312 -10.45 4.39 6.19
C MET A 312 -9.19 3.71 5.65
N CYS A 313 -8.79 4.00 4.41
CA CYS A 313 -7.61 3.35 3.85
C CYS A 313 -6.32 3.76 4.58
N GLY A 314 -6.29 4.95 5.18
CA GLY A 314 -5.15 5.31 6.01
C GLY A 314 -4.94 4.31 7.13
N ALA A 315 -5.98 4.11 7.93
CA ALA A 315 -5.93 3.09 8.99
C ALA A 315 -5.67 1.70 8.42
N ALA A 316 -6.31 1.37 7.31
CA ALA A 316 -6.05 0.07 6.68
C ALA A 316 -4.57 -0.11 6.35
N SER A 317 -3.90 0.95 5.88
CA SER A 317 -2.48 0.81 5.57
C SER A 317 -1.63 0.64 6.81
N VAL A 318 -2.09 1.12 7.97
CA VAL A 318 -1.36 0.83 9.21
C VAL A 318 -1.48 -0.65 9.55
N PHE A 319 -2.71 -1.21 9.44
CA PHE A 319 -2.88 -2.67 9.54
C PHE A 319 -1.90 -3.40 8.63
N GLY A 320 -1.86 -3.00 7.35
CA GLY A 320 -1.07 -3.75 6.38
C GLY A 320 0.43 -3.65 6.63
N THR A 321 0.90 -2.45 7.00
CA THR A 321 2.31 -2.28 7.34
C THR A 321 2.68 -3.12 8.56
N PHE A 322 1.84 -3.11 9.59
CA PHE A 322 2.08 -4.02 10.71
C PHE A 322 2.12 -5.48 10.26
N ARG A 323 1.17 -5.87 9.41
CA ARG A 323 1.14 -7.26 8.97
C ARG A 323 2.47 -7.67 8.31
N ALA A 324 3.04 -6.78 7.49
CA ALA A 324 4.32 -7.09 6.85
C ALA A 324 5.46 -7.11 7.85
N VAL A 325 5.50 -6.14 8.76
CA VAL A 325 6.58 -6.06 9.75
C VAL A 325 6.55 -7.27 10.66
N LEU A 326 5.36 -7.71 11.05
CA LEU A 326 5.23 -8.84 11.97
C LEU A 326 5.73 -10.13 11.31
N GLU A 327 5.44 -10.29 10.01
CA GLU A 327 5.94 -11.45 9.28
C GLU A 327 7.46 -11.42 9.15
N LEU A 328 8.04 -10.25 8.90
CA LEU A 328 9.49 -10.15 8.75
C LEU A 328 10.22 -10.09 10.08
N GLN A 329 9.52 -9.87 11.19
CA GLN A 329 10.13 -9.81 12.51
C GLN A 329 11.26 -8.79 12.56
N LEU A 330 11.00 -7.60 12.01
CA LEU A 330 12.04 -6.57 11.94
C LEU A 330 12.47 -6.12 13.33
N PRO A 331 13.75 -5.84 13.54
CA PRO A 331 14.22 -5.37 14.86
C PRO A 331 13.96 -3.87 15.00
N ILE A 332 12.68 -3.51 15.20
CA ILE A 332 12.26 -2.15 15.43
C ILE A 332 11.12 -2.11 16.43
N ASN A 333 10.92 -0.96 17.04
CA ASN A 333 9.78 -0.74 17.92
C ASN A 333 8.77 0.12 17.15
N LEU A 334 7.55 -0.39 17.03
CA LEU A 334 6.53 0.19 16.17
C LEU A 334 5.21 0.32 16.93
N VAL A 335 4.55 1.47 16.77
CA VAL A 335 3.26 1.74 17.37
C VAL A 335 2.29 2.12 16.25
N GLY A 336 1.07 1.60 16.30
CA GLY A 336 0.05 2.01 15.37
C GLY A 336 -1.10 2.64 16.11
N LEU A 337 -1.60 3.78 15.64
CA LEU A 337 -2.75 4.44 16.24
C LEU A 337 -3.79 4.59 15.14
N LEU A 338 -4.90 3.88 15.24
CA LEU A 338 -5.94 3.92 14.22
C LEU A 338 -7.13 4.66 14.80
N ALA A 339 -7.40 5.86 14.26
CA ALA A 339 -8.48 6.72 14.76
C ALA A 339 -9.69 6.45 13.87
N CYS A 340 -10.65 5.66 14.36
CA CYS A 340 -11.77 5.23 13.54
C CYS A 340 -13.11 5.75 14.04
N ALA A 341 -13.88 6.27 13.09
CA ALA A 341 -15.20 6.81 13.32
C ALA A 341 -15.96 6.74 12.00
N GLU A 342 -17.28 6.84 12.09
CA GLU A 342 -18.19 6.97 10.95
C GLU A 342 -18.79 8.37 10.96
N ASN A 343 -18.76 9.05 9.81
CA ASN A 343 -19.23 10.44 9.71
C ASN A 343 -20.61 10.48 9.03
N MET A 344 -21.66 10.64 9.81
CA MET A 344 -23.09 10.59 9.46
C MET A 344 -23.84 11.88 9.81
N PRO A 345 -24.85 12.25 8.99
CA PRO A 345 -25.82 13.27 9.40
C PRO A 345 -26.85 12.67 10.35
N SER A 346 -27.30 13.48 11.30
CA SER A 346 -28.31 13.04 12.25
C SER A 346 -28.75 14.22 13.09
N GLY A 347 -29.77 13.99 13.91
CA GLY A 347 -30.27 15.04 14.79
C GLY A 347 -29.33 15.42 15.92
N GLY A 348 -28.22 14.69 16.08
CA GLY A 348 -27.23 15.02 17.08
C GLY A 348 -25.84 15.21 16.49
N ALA A 349 -25.75 15.32 15.17
CA ALA A 349 -24.44 15.43 14.53
C ALA A 349 -23.80 16.79 14.79
N THR A 350 -22.48 16.83 14.61
CA THR A 350 -21.72 18.10 14.76
C THR A 350 -22.22 19.06 13.67
N ARG A 351 -22.32 20.33 14.02
CA ARG A 351 -22.82 21.34 13.06
C ARG A 351 -21.70 22.27 12.63
N PRO A 352 -21.74 22.79 11.39
CA PRO A 352 -20.77 23.80 10.99
C PRO A 352 -20.88 24.94 12.00
N GLY A 353 -19.74 25.48 12.43
CA GLY A 353 -19.71 26.51 13.45
C GLY A 353 -19.51 26.01 14.87
N ASP A 354 -19.68 24.72 15.12
CA ASP A 354 -19.36 24.18 16.45
C ASP A 354 -17.90 24.48 16.78
N ILE A 355 -17.63 24.70 18.06
CA ILE A 355 -16.26 24.84 18.55
C ILE A 355 -16.02 23.75 19.57
N VAL A 356 -14.91 23.02 19.43
CA VAL A 356 -14.61 21.89 20.30
C VAL A 356 -13.19 22.05 20.84
N THR A 357 -12.93 21.42 21.96
CA THR A 357 -11.61 21.46 22.59
C THR A 357 -10.90 20.15 22.29
N THR A 358 -9.79 20.23 21.58
CA THR A 358 -9.02 19.02 21.28
C THR A 358 -8.28 18.55 22.53
N MET A 359 -7.76 17.33 22.46
CA MET A 359 -7.05 16.80 23.63
C MET A 359 -5.84 17.65 23.98
N SER A 360 -5.22 18.31 22.98
CA SER A 360 -4.09 19.21 23.23
C SER A 360 -4.50 20.46 23.99
N GLY A 361 -5.79 20.76 24.08
CA GLY A 361 -6.27 21.99 24.65
C GLY A 361 -6.56 23.08 23.64
N GLN A 362 -6.08 22.95 22.41
CA GLN A 362 -6.40 23.93 21.38
C GLN A 362 -7.86 23.81 20.98
N THR A 363 -8.53 24.95 20.83
CA THR A 363 -9.92 24.93 20.41
C THR A 363 -9.98 25.01 18.89
N VAL A 364 -10.95 24.32 18.30
CA VAL A 364 -11.09 24.28 16.85
C VAL A 364 -12.50 24.65 16.47
N GLU A 365 -12.62 25.58 15.53
CA GLU A 365 -13.91 25.92 14.95
C GLU A 365 -14.12 25.02 13.75
N ILE A 366 -15.19 24.23 13.78
CA ILE A 366 -15.43 23.24 12.74
C ILE A 366 -16.31 23.93 11.70
N LEU A 367 -15.65 24.54 10.70
CA LEU A 367 -16.39 25.28 9.68
C LEU A 367 -17.08 24.35 8.70
N ASN A 368 -16.52 23.17 8.47
CA ASN A 368 -17.08 22.25 7.49
C ASN A 368 -16.93 20.85 8.04
N THR A 369 -18.05 20.15 8.21
CA THR A 369 -18.01 18.86 8.88
C THR A 369 -17.45 17.76 7.98
N ASP A 370 -17.22 18.05 6.70
CA ASP A 370 -16.59 17.11 5.77
C ASP A 370 -15.06 17.16 5.83
N ALA A 371 -14.48 18.13 6.55
CA ALA A 371 -13.05 18.11 6.83
C ALA A 371 -12.82 17.46 8.20
N GLU A 372 -13.23 16.19 8.27
CA GLU A 372 -13.28 15.48 9.55
C GLU A 372 -12.09 14.56 9.79
N GLY A 373 -11.38 14.17 8.74
CA GLY A 373 -10.23 13.32 8.95
C GLY A 373 -9.20 13.98 9.86
N ARG A 374 -8.96 15.27 9.65
CA ARG A 374 -7.98 15.96 10.48
C ARG A 374 -8.44 16.06 11.92
N LEU A 375 -9.75 16.00 12.17
CA LEU A 375 -10.28 16.15 13.52
C LEU A 375 -10.09 14.89 14.35
N VAL A 376 -10.11 13.70 13.72
CA VAL A 376 -9.74 12.51 14.48
C VAL A 376 -8.23 12.36 14.53
N LEU A 377 -7.52 12.80 13.49
CA LEU A 377 -6.07 12.68 13.48
C LEU A 377 -5.40 13.56 14.52
N CYS A 378 -5.89 14.79 14.70
CA CYS A 378 -5.16 15.69 15.58
C CYS A 378 -5.15 15.17 17.01
N ASP A 379 -6.26 14.57 17.47
CA ASP A 379 -6.27 13.98 18.81
C ASP A 379 -5.34 12.77 18.89
N ALA A 380 -5.27 11.98 17.82
CA ALA A 380 -4.34 10.85 17.79
C ALA A 380 -2.89 11.32 17.80
N LEU A 381 -2.60 12.44 17.12
CA LEU A 381 -1.23 12.98 17.14
C LEU A 381 -0.85 13.45 18.54
N THR A 382 -1.80 14.05 19.27
CA THR A 382 -1.52 14.42 20.66
C THR A 382 -1.27 13.17 21.50
N TYR A 383 -2.11 12.14 21.30
CA TYR A 383 -1.94 10.89 22.02
C TYR A 383 -0.56 10.29 21.79
N ALA A 384 -0.04 10.41 20.56
CA ALA A 384 1.25 9.81 20.22
C ALA A 384 2.41 10.39 21.03
N GLU A 385 2.25 11.57 21.64
CA GLU A 385 3.36 12.16 22.38
C GLU A 385 3.87 11.25 23.48
N ARG A 386 2.99 10.45 24.09
CA ARG A 386 3.39 9.65 25.25
C ARG A 386 4.43 8.59 24.91
N PHE A 387 4.54 8.21 23.64
CA PHE A 387 5.50 7.18 23.27
C PHE A 387 6.90 7.71 23.07
N LYS A 388 7.13 9.00 23.19
CA LYS A 388 8.44 9.61 22.95
C LYS A 388 9.03 9.08 21.65
N PRO A 389 8.31 9.24 20.54
CA PRO A 389 8.71 8.60 19.28
C PRO A 389 9.87 9.30 18.60
N GLN A 390 10.63 8.52 17.84
CA GLN A 390 11.65 9.12 16.98
C GLN A 390 11.09 9.50 15.61
N SER A 391 9.93 8.99 15.25
CA SER A 391 9.22 9.47 14.07
C SER A 391 7.73 9.15 14.19
N VAL A 392 6.91 10.05 13.67
CA VAL A 392 5.45 9.88 13.65
C VAL A 392 5.02 10.18 12.23
N ILE A 393 4.32 9.22 11.61
CA ILE A 393 3.81 9.38 10.25
C ILE A 393 2.32 9.11 10.29
N ASP A 394 1.54 10.11 9.90
CA ASP A 394 0.11 9.89 9.71
C ASP A 394 -0.19 9.66 8.23
N ILE A 395 -1.16 8.79 7.98
CA ILE A 395 -1.56 8.39 6.63
C ILE A 395 -3.06 8.57 6.54
N ALA A 396 -3.51 9.29 5.51
CA ALA A 396 -4.92 9.65 5.46
C ALA A 396 -5.36 9.94 4.04
N THR A 397 -6.57 9.50 3.70
CA THR A 397 -7.25 9.95 2.49
C THR A 397 -7.88 11.30 2.81
N LEU A 398 -7.07 12.36 2.71
CA LEU A 398 -7.48 13.58 3.39
C LEU A 398 -8.14 14.61 2.48
N THR A 399 -7.59 14.88 1.30
CA THR A 399 -8.09 16.01 0.53
C THR A 399 -8.24 15.64 -0.94
N GLY A 400 -9.40 15.95 -1.52
CA GLY A 400 -9.53 15.89 -2.96
C GLY A 400 -8.56 16.84 -3.65
N ALA A 401 -8.17 17.92 -2.95
CA ALA A 401 -7.18 18.82 -3.51
C ALA A 401 -5.87 18.09 -3.84
N CYS A 402 -5.54 17.02 -3.11
CA CYS A 402 -4.29 16.32 -3.42
C CYS A 402 -4.35 15.65 -4.79
N ILE A 403 -5.53 15.21 -5.19
CA ILE A 403 -5.70 14.60 -6.52
C ILE A 403 -5.52 15.65 -7.62
N VAL A 404 -6.04 16.84 -7.39
CA VAL A 404 -5.80 17.95 -8.30
C VAL A 404 -4.30 18.24 -8.41
N ALA A 405 -3.60 18.21 -7.27
CA ALA A 405 -2.19 18.58 -7.24
C ALA A 405 -1.30 17.49 -7.84
N LEU A 406 -1.54 16.23 -7.51
CA LEU A 406 -0.59 15.15 -7.79
C LEU A 406 -1.23 13.95 -8.48
N GLY A 407 -2.53 13.94 -8.67
CA GLY A 407 -3.16 12.88 -9.44
C GLY A 407 -3.36 11.63 -8.62
N SER A 408 -3.50 10.50 -9.33
CA SER A 408 -3.76 9.22 -8.69
C SER A 408 -2.52 8.35 -8.52
N ASN A 409 -1.36 8.78 -9.02
CA ASN A 409 -0.19 7.89 -8.98
C ASN A 409 0.88 8.29 -7.98
N THR A 410 0.79 9.47 -7.37
CA THR A 410 1.81 9.98 -6.45
C THR A 410 1.15 10.52 -5.19
N SER A 411 1.55 10.02 -4.02
CA SER A 411 0.95 10.52 -2.79
C SER A 411 1.57 11.85 -2.41
N GLY A 412 0.77 12.71 -1.77
CA GLY A 412 1.31 13.97 -1.26
C GLY A 412 1.99 13.71 0.08
N LEU A 413 3.10 14.42 0.30
CA LEU A 413 3.88 14.27 1.53
C LEU A 413 4.25 15.64 2.07
N MET A 414 4.02 15.82 3.37
CA MET A 414 4.37 17.02 4.12
C MET A 414 4.99 16.59 5.45
N GLY A 415 5.76 17.49 6.07
CA GLY A 415 6.26 17.14 7.39
C GLY A 415 6.98 18.31 8.02
N ASN A 416 7.37 18.11 9.28
CA ASN A 416 8.06 19.15 10.03
C ASN A 416 9.55 18.85 10.20
N ASN A 417 10.06 17.85 9.49
CA ASN A 417 11.45 17.43 9.63
C ASN A 417 11.97 16.96 8.28
N GLU A 418 12.99 17.66 7.77
CA GLU A 418 13.45 17.41 6.41
C GLU A 418 14.07 16.02 6.26
N ALA A 419 14.82 15.56 7.26
CA ALA A 419 15.44 14.24 7.16
C ALA A 419 14.38 13.13 7.06
N LEU A 420 13.33 13.21 7.86
CA LEU A 420 12.24 12.23 7.76
C LEU A 420 11.54 12.29 6.42
N VAL A 421 11.23 13.49 5.94
CA VAL A 421 10.60 13.63 4.63
C VAL A 421 11.49 12.99 3.56
N ARG A 422 12.80 13.24 3.61
CA ARG A 422 13.70 12.64 2.62
C ARG A 422 13.71 11.12 2.74
N GLN A 423 13.68 10.59 3.97
CA GLN A 423 13.69 9.14 4.14
C GLN A 423 12.46 8.52 3.50
N LEU A 424 11.31 9.18 3.61
CA LEU A 424 10.08 8.65 3.05
C LEU A 424 10.06 8.76 1.53
N LEU A 425 10.59 9.86 0.99
CA LEU A 425 10.69 9.98 -0.45
C LEU A 425 11.58 8.88 -1.03
N LYS A 426 12.72 8.63 -0.38
CA LYS A 426 13.64 7.61 -0.85
C LYS A 426 13.00 6.22 -0.80
N ALA A 427 12.27 5.94 0.28
CA ALA A 427 11.57 4.66 0.40
C ALA A 427 10.54 4.50 -0.70
N GLY A 428 9.80 5.58 -1.02
CA GLY A 428 8.81 5.51 -2.08
C GLY A 428 9.44 5.29 -3.45
N GLU A 429 10.62 5.88 -3.68
CA GLU A 429 11.30 5.65 -4.96
C GLU A 429 11.74 4.20 -5.08
N PHE A 430 12.37 3.67 -4.03
CA PHE A 430 12.78 2.27 -4.07
C PHE A 430 11.59 1.35 -4.27
N ALA A 431 10.48 1.61 -3.57
CA ALA A 431 9.30 0.77 -3.63
C ALA A 431 8.52 0.93 -4.92
N ASP A 432 8.86 1.91 -5.75
CA ASP A 432 7.98 2.37 -6.83
C ASP A 432 6.56 2.56 -6.30
N ASP A 433 6.44 3.25 -5.14
CA ASP A 433 5.14 3.63 -4.58
C ASP A 433 5.38 5.07 -4.12
N ARG A 434 5.46 5.98 -5.09
CA ARG A 434 6.13 7.26 -4.88
C ARG A 434 5.24 8.28 -4.20
N ALA A 435 5.87 9.19 -3.48
CA ALA A 435 5.25 10.37 -2.92
C ALA A 435 5.97 11.60 -3.45
N TRP A 436 5.47 12.78 -3.07
CA TRP A 436 6.07 14.03 -3.52
C TRP A 436 5.81 15.07 -2.44
N GLN A 437 6.85 15.80 -2.05
CA GLN A 437 6.69 16.76 -0.97
C GLN A 437 5.95 18.00 -1.44
N LEU A 438 5.06 18.50 -0.58
CA LEU A 438 4.49 19.83 -0.71
C LEU A 438 4.90 20.66 0.51
N PRO A 439 5.08 21.97 0.34
CA PRO A 439 5.67 22.78 1.41
C PRO A 439 4.66 23.19 2.47
N LEU A 440 5.11 23.22 3.72
CA LEU A 440 4.28 23.76 4.79
C LEU A 440 4.81 25.13 5.22
N PHE A 441 4.99 26.03 4.25
CA PHE A 441 5.51 27.36 4.57
C PHE A 441 4.63 28.07 5.58
N ASP A 442 5.27 28.83 6.48
CA ASP A 442 4.51 29.48 7.54
C ASP A 442 3.43 30.41 6.99
N GLU A 443 3.65 30.99 5.81
CA GLU A 443 2.62 31.86 5.21
C GLU A 443 1.29 31.16 5.01
N TYR A 444 1.27 29.85 4.79
CA TYR A 444 -0.01 29.16 4.60
C TYR A 444 -0.84 29.07 5.88
N GLN A 445 -0.19 29.18 7.05
CA GLN A 445 -0.87 28.92 8.32
C GLN A 445 -2.00 29.89 8.59
N GLU A 446 -1.87 31.15 8.16
CA GLU A 446 -2.91 32.14 8.45
C GLU A 446 -4.24 31.81 7.78
N GLN A 447 -4.24 30.90 6.79
CA GLN A 447 -5.52 30.45 6.24
C GLN A 447 -6.39 29.76 7.28
N LEU A 448 -5.81 29.25 8.36
CA LEU A 448 -6.55 28.57 9.42
C LEU A 448 -6.93 29.48 10.58
N ASP A 449 -6.74 30.79 10.44
CA ASP A 449 -7.14 31.71 11.50
C ASP A 449 -8.65 31.73 11.66
N SER A 450 -9.10 31.76 12.91
CA SER A 450 -10.52 31.88 13.21
C SER A 450 -10.76 33.04 14.14
N PRO A 451 -11.77 33.86 13.89
CA PRO A 451 -12.08 34.93 14.85
C PRO A 451 -12.55 34.42 16.20
N PHE A 452 -13.02 33.17 16.28
CA PHE A 452 -13.65 32.63 17.48
C PHE A 452 -12.77 31.64 18.25
N ALA A 453 -12.02 30.80 17.55
CA ALA A 453 -11.30 29.69 18.17
C ALA A 453 -9.80 29.78 17.86
N ASP A 454 -9.03 28.85 18.46
CA ASP A 454 -7.59 28.82 18.22
C ASP A 454 -7.27 28.50 16.76
N ILE A 455 -8.02 27.59 16.14
CA ILE A 455 -7.79 27.15 14.77
C ILE A 455 -9.14 26.94 14.11
N ALA A 456 -9.25 27.29 12.82
CA ALA A 456 -10.34 26.82 11.99
C ALA A 456 -9.95 25.48 11.36
N ASN A 457 -10.94 24.60 11.15
CA ASN A 457 -10.56 23.31 10.60
C ASN A 457 -10.34 23.31 9.10
N ILE A 458 -10.63 24.39 8.38
CA ILE A 458 -10.37 24.43 6.94
C ILE A 458 -9.83 25.80 6.57
N GLY A 459 -9.02 25.84 5.51
CA GLY A 459 -8.61 27.07 4.89
C GLY A 459 -9.61 27.40 3.79
N GLY A 460 -9.16 28.18 2.83
CA GLY A 460 -10.01 28.47 1.69
C GLY A 460 -9.92 27.41 0.60
N PRO A 461 -10.35 27.79 -0.61
CA PRO A 461 -10.15 26.89 -1.76
C PRO A 461 -8.73 26.83 -2.29
N LYS A 462 -7.82 27.67 -1.80
CA LYS A 462 -6.43 27.67 -2.25
C LYS A 462 -5.57 26.77 -1.38
N ALA A 463 -4.71 25.96 -2.02
CA ALA A 463 -3.70 25.15 -1.32
C ALA A 463 -4.32 24.20 -0.29
N GLY A 464 -5.38 23.51 -0.69
CA GLY A 464 -6.14 22.72 0.28
C GLY A 464 -5.36 21.56 0.88
N THR A 465 -4.51 20.92 0.09
CA THR A 465 -3.71 19.83 0.64
C THR A 465 -2.72 20.35 1.67
N ILE A 466 -2.11 21.50 1.37
CA ILE A 466 -1.14 22.14 2.25
C ILE A 466 -1.79 22.63 3.55
N THR A 467 -2.95 23.29 3.46
CA THR A 467 -3.54 23.82 4.69
C THR A 467 -4.03 22.69 5.60
N ALA A 468 -4.45 21.56 5.03
CA ALA A 468 -4.73 20.39 5.85
C ALA A 468 -3.46 19.92 6.57
N GLY A 469 -2.35 19.84 5.85
CA GLY A 469 -1.09 19.52 6.51
C GLY A 469 -0.70 20.55 7.56
N CYS A 470 -0.94 21.84 7.27
CA CYS A 470 -0.66 22.87 8.27
C CYS A 470 -1.51 22.66 9.53
N PHE A 471 -2.78 22.29 9.36
CA PHE A 471 -3.63 22.03 10.51
C PHE A 471 -3.03 20.92 11.37
N LEU A 472 -2.70 19.78 10.76
CA LEU A 472 -2.10 18.68 11.52
C LEU A 472 -0.78 19.08 12.16
N SER A 473 0.00 19.95 11.51
CA SER A 473 1.32 20.26 12.05
C SER A 473 1.22 20.91 13.41
N ARG A 474 0.10 21.60 13.69
CA ARG A 474 -0.07 22.24 14.99
C ARG A 474 -0.18 21.27 16.14
N PHE A 475 -0.33 19.97 15.84
CA PHE A 475 -0.42 18.94 16.86
C PHE A 475 0.81 18.06 16.91
N ALA A 476 1.79 18.31 16.05
CA ALA A 476 2.95 17.45 15.88
C ALA A 476 4.26 18.13 16.25
N LYS A 477 4.22 19.27 16.95
CA LYS A 477 5.44 20.05 17.16
C LYS A 477 6.43 19.36 18.07
N LYS A 478 6.01 18.38 18.86
CA LYS A 478 6.88 17.78 19.85
C LYS A 478 7.74 16.64 19.32
N TYR A 479 7.61 16.27 18.03
CA TYR A 479 8.38 15.15 17.51
C TYR A 479 8.58 15.31 16.01
N HIS A 480 9.45 14.49 15.44
CA HIS A 480 9.67 14.46 14.00
C HIS A 480 8.46 13.82 13.35
N TRP A 481 7.80 14.54 12.43
CA TRP A 481 6.51 14.10 11.94
C TRP A 481 6.40 14.30 10.43
N ALA A 482 5.65 13.40 9.80
CA ALA A 482 5.36 13.52 8.38
C ALA A 482 3.93 13.06 8.15
N HIS A 483 3.38 13.44 7.00
CA HIS A 483 1.96 13.28 6.72
C HIS A 483 1.82 12.87 5.26
N LEU A 484 1.21 11.70 5.02
CA LEU A 484 0.98 11.15 3.69
C LEU A 484 -0.51 11.32 3.34
N ASP A 485 -0.81 12.17 2.36
CA ASP A 485 -2.15 12.32 1.78
C ASP A 485 -2.33 11.31 0.65
N ILE A 486 -3.11 10.27 0.90
CA ILE A 486 -3.28 9.20 -0.07
C ILE A 486 -4.66 9.23 -0.72
N ALA A 487 -5.30 10.40 -0.71
CA ALA A 487 -6.64 10.51 -1.30
C ALA A 487 -6.66 10.04 -2.76
N GLY A 488 -5.55 10.22 -3.47
CA GLY A 488 -5.48 9.83 -4.87
C GLY A 488 -4.92 8.43 -5.10
N THR A 489 -4.06 7.95 -4.21
CA THR A 489 -3.35 6.70 -4.41
C THR A 489 -3.95 5.51 -3.68
N ALA A 490 -4.87 5.73 -2.74
CA ALA A 490 -5.38 4.62 -1.94
C ALA A 490 -6.38 3.74 -2.68
N TRP A 491 -6.97 4.23 -3.78
CA TRP A 491 -7.92 3.36 -4.48
C TRP A 491 -8.02 3.77 -5.94
N ILE A 492 -8.62 2.88 -6.73
CA ILE A 492 -8.93 3.11 -8.13
C ILE A 492 -10.44 3.31 -8.23
N SER A 493 -10.85 4.39 -8.90
CA SER A 493 -12.23 4.89 -8.80
C SER A 493 -13.22 4.10 -9.64
N GLY A 494 -12.83 3.66 -10.82
CA GLY A 494 -13.82 3.11 -11.73
C GLY A 494 -13.23 1.98 -12.56
N GLY A 495 -14.07 1.45 -13.45
CA GLY A 495 -13.64 0.41 -14.34
C GLY A 495 -13.58 -0.94 -13.66
N LYS A 496 -13.04 -1.90 -14.42
CA LYS A 496 -12.94 -3.28 -13.93
C LYS A 496 -12.07 -3.37 -12.68
N ASP A 497 -11.10 -2.47 -12.54
CA ASP A 497 -10.14 -2.56 -11.44
C ASP A 497 -10.48 -1.64 -10.27
N LYS A 498 -11.72 -1.16 -10.21
CA LYS A 498 -12.14 -0.34 -9.08
C LYS A 498 -11.89 -1.06 -7.76
N GLY A 499 -11.37 -0.34 -6.78
CA GLY A 499 -11.07 -0.93 -5.48
C GLY A 499 -9.82 -0.38 -4.80
N ALA A 500 -9.58 -0.79 -3.55
CA ALA A 500 -8.41 -0.32 -2.81
C ALA A 500 -7.13 -0.84 -3.46
N THR A 501 -6.07 -0.04 -3.34
CA THR A 501 -4.78 -0.41 -3.93
C THR A 501 -3.80 -1.03 -2.95
N GLY A 502 -3.96 -0.77 -1.66
CA GLY A 502 -2.96 -1.19 -0.70
C GLY A 502 -1.82 -0.22 -0.51
N ARG A 503 -1.76 0.88 -1.28
CA ARG A 503 -0.76 1.89 -1.03
C ARG A 503 -1.17 2.71 0.19
N PRO A 504 -0.22 3.21 0.98
CA PRO A 504 1.23 3.19 0.74
C PRO A 504 1.94 2.11 1.55
N VAL A 505 1.40 0.89 1.67
CA VAL A 505 2.11 -0.16 2.43
C VAL A 505 3.51 -0.38 1.90
N PRO A 506 3.76 -0.44 0.59
CA PRO A 506 5.14 -0.66 0.13
C PRO A 506 6.10 0.44 0.55
N LEU A 507 5.68 1.71 0.45
CA LEU A 507 6.54 2.81 0.90
C LEU A 507 6.84 2.68 2.39
N LEU A 508 5.78 2.53 3.20
CA LEU A 508 5.95 2.50 4.65
C LEU A 508 6.81 1.32 5.09
N THR A 509 6.59 0.13 4.52
CA THR A 509 7.37 -1.04 4.90
C THR A 509 8.84 -0.85 4.52
N GLN A 510 9.09 -0.23 3.35
CA GLN A 510 10.48 0.00 2.95
C GLN A 510 11.14 1.01 3.87
N TYR A 511 10.42 2.06 4.24
CA TYR A 511 10.93 3.01 5.23
C TYR A 511 11.35 2.28 6.50
N LEU A 512 10.49 1.37 7.00
CA LEU A 512 10.83 0.69 8.24
C LEU A 512 11.94 -0.33 8.04
N LEU A 513 11.99 -0.99 6.88
CA LEU A 513 13.12 -1.87 6.58
C LEU A 513 14.45 -1.12 6.68
N GLU A 514 14.50 0.10 6.13
CA GLU A 514 15.72 0.90 6.22
C GLU A 514 15.99 1.37 7.65
N ARG A 515 14.94 1.72 8.40
CA ARG A 515 15.17 2.14 9.77
C ARG A 515 15.62 0.98 10.65
N ALA A 516 15.37 -0.25 10.20
CA ALA A 516 15.72 -1.44 10.97
C ALA A 516 17.17 -1.89 10.79
N LYS A 517 17.91 -1.31 9.86
CA LYS A 517 19.30 -1.73 9.60
C LYS A 517 20.25 -1.22 10.66
C1 EDO B . 14.02 11.56 11.05
O1 EDO B . 13.17 11.42 12.19
C2 EDO B . 15.27 12.34 11.40
O2 EDO B . 16.12 11.57 12.27
H11 EDO B . 13.48 12.09 10.26
H12 EDO B . 14.29 10.58 10.67
HO1 EDO B . 12.40 10.87 11.96
H21 EDO B . 15.00 13.28 11.89
H22 EDO B . 15.83 12.58 10.49
HO2 EDO B . 16.89 12.10 12.52
C1 EDO C . -11.09 -8.78 6.46
O1 EDO C . -12.14 -9.72 6.73
C2 EDO C . -9.81 -9.52 6.11
O2 EDO C . -10.04 -10.41 5.01
H11 EDO C . -10.92 -8.15 7.33
H12 EDO C . -11.38 -8.13 5.63
HO1 EDO C . -12.92 -9.25 7.06
H21 EDO C . -9.46 -10.09 6.98
H22 EDO C . -9.02 -8.80 5.85
HO2 EDO C . -9.23 -10.89 4.80
C1 EDO D . 12.66 -9.33 -32.47
O1 EDO D . 11.50 -10.11 -32.10
C2 EDO D . 13.80 -10.26 -32.89
O2 EDO D . 14.88 -9.49 -33.47
H11 EDO D . 12.97 -8.71 -31.63
H12 EDO D . 12.40 -8.66 -33.30
HO1 EDO D . 10.86 -9.54 -31.64
H21 EDO D . 13.44 -10.98 -33.62
H22 EDO D . 14.17 -10.80 -32.01
HO2 EDO D . 15.58 -10.09 -33.77
C1 EDO E . 16.20 -9.83 -23.84
O1 EDO E . 16.98 -9.67 -22.65
C2 EDO E . 17.13 -10.01 -25.04
O2 EDO E . 16.39 -10.39 -26.21
H11 EDO E . 15.55 -8.97 -23.99
H12 EDO E . 15.56 -10.72 -23.74
HO1 EDO E . 16.40 -9.70 -21.88
H21 EDO E . 17.87 -10.77 -24.82
H22 EDO E . 17.66 -9.07 -25.23
HO2 EDO E . 16.94 -10.24 -27.00
C BCT F . -10.39 15.96 5.69
O1 BCT F . -10.26 16.91 4.89
O2 BCT F . -10.94 14.86 5.64
O3 BCT F . -10.02 16.37 7.01
HO3 BCT F . -9.28 16.78 7.01
NA NA G . -12.91 11.81 5.10
NA NA H . 12.86 -2.10 -23.72
NA NA I . 9.37 1.95 -17.99
NA NA J . -7.98 29.70 0.41
NA NA K . -14.74 14.35 4.71
CL CL L . 14.82 3.44 1.08
CL CL M . -13.85 -3.14 18.92
CL CL N . -18.73 1.03 22.37
CL CL O . -2.86 11.04 -12.34
CL CL P . 23.91 -9.91 -6.11
#